data_6CEW
# 
_entry.id   6CEW 
# 
_audit_conform.dict_name       mmcif_pdbx.dic 
_audit_conform.dict_version    5.389 
_audit_conform.dict_location   http://mmcif.pdb.org/dictionaries/ascii/mmcif_pdbx.dic 
# 
loop_
_database_2.database_id 
_database_2.database_code 
_database_2.pdbx_database_accession 
_database_2.pdbx_DOI 
PDB   6CEW         pdb_00006cew 10.2210/pdb6cew/pdb 
WWPDB D_1000232631 ?            ?                   
# 
loop_
_pdbx_audit_revision_history.ordinal 
_pdbx_audit_revision_history.data_content_type 
_pdbx_audit_revision_history.major_revision 
_pdbx_audit_revision_history.minor_revision 
_pdbx_audit_revision_history.revision_date 
1 'Structure model' 1 0 2018-04-18 
2 'Structure model' 1 1 2018-06-06 
3 'Structure model' 1 2 2018-06-13 
4 'Structure model' 1 3 2019-12-18 
5 'Structure model' 1 4 2024-03-13 
6 'Structure model' 1 5 2024-04-03 
# 
_pdbx_audit_revision_details.ordinal             1 
_pdbx_audit_revision_details.revision_ordinal    1 
_pdbx_audit_revision_details.data_content_type   'Structure model' 
_pdbx_audit_revision_details.provider            repository 
_pdbx_audit_revision_details.type                'Initial release' 
_pdbx_audit_revision_details.description         ? 
_pdbx_audit_revision_details.details             ? 
# 
loop_
_pdbx_audit_revision_group.ordinal 
_pdbx_audit_revision_group.revision_ordinal 
_pdbx_audit_revision_group.data_content_type 
_pdbx_audit_revision_group.group 
1 2 'Structure model' 'Data collection'            
2 2 'Structure model' 'Database references'        
3 3 'Structure model' 'Data collection'            
4 3 'Structure model' 'Database references'        
5 4 'Structure model' 'Author supporting evidence' 
6 5 'Structure model' 'Data collection'            
7 5 'Structure model' 'Database references'        
8 6 'Structure model' 'Refinement description'     
# 
loop_
_pdbx_audit_revision_category.ordinal 
_pdbx_audit_revision_category.revision_ordinal 
_pdbx_audit_revision_category.data_content_type 
_pdbx_audit_revision_category.category 
1 2 'Structure model' citation                      
2 2 'Structure model' citation_author               
3 3 'Structure model' citation                      
4 4 'Structure model' pdbx_audit_support            
5 5 'Structure model' chem_comp_atom                
6 5 'Structure model' chem_comp_bond                
7 5 'Structure model' database_2                    
8 6 'Structure model' pdbx_initial_refinement_model 
# 
loop_
_pdbx_audit_revision_item.ordinal 
_pdbx_audit_revision_item.revision_ordinal 
_pdbx_audit_revision_item.data_content_type 
_pdbx_audit_revision_item.item 
1  2 'Structure model' '_citation.journal_abbrev'                 
2  2 'Structure model' '_citation.pdbx_database_id_DOI'           
3  2 'Structure model' '_citation.pdbx_database_id_PubMed'        
4  2 'Structure model' '_citation.title'                          
5  3 'Structure model' '_citation.journal_volume'                 
6  3 'Structure model' '_citation.page_first'                     
7  3 'Structure model' '_citation.page_last'                      
8  4 'Structure model' '_pdbx_audit_support.funding_organization' 
9  5 'Structure model' '_database_2.pdbx_DOI'                     
10 5 'Structure model' '_database_2.pdbx_database_accession'      
# 
_pdbx_database_status.status_code                     REL 
_pdbx_database_status.status_code_sf                  REL 
_pdbx_database_status.status_code_mr                  ? 
_pdbx_database_status.entry_id                        6CEW 
_pdbx_database_status.recvd_initial_deposition_date   2018-02-12 
_pdbx_database_status.SG_entry                        N 
_pdbx_database_status.deposit_site                    RCSB 
_pdbx_database_status.process_site                    RCSB 
_pdbx_database_status.status_code_cs                  ? 
_pdbx_database_status.methods_development_category    ? 
_pdbx_database_status.pdb_format_compatible           Y 
_pdbx_database_status.status_code_nmr_data            ? 
# 
_pdbx_database_related.db_name        PDB 
_pdbx_database_related.details        . 
_pdbx_database_related.db_id          6CB9 
_pdbx_database_related.content_type   unspecified 
# 
loop_
_audit_author.name 
_audit_author.pdbx_ordinal 
_audit_author.identifier_ORCID 
'Guenther, E.L.'  1 ? 
'Cao, Q.'         2 ? 
'Lu, J.'          3 ? 
'Sawaya, M.R.'    4 ? 
'Eisenberg, D.S.' 5 ? 
# 
_citation.abstract                  ? 
_citation.abstract_id_CAS           ? 
_citation.book_id_ISBN              ? 
_citation.book_publisher            ? 
_citation.book_publisher_city       ? 
_citation.book_title                ? 
_citation.coordinate_linkage        ? 
_citation.country                   US 
_citation.database_id_Medline       ? 
_citation.details                   ? 
_citation.id                        primary 
_citation.journal_abbrev            'Nat. Struct. Mol. Biol.' 
_citation.journal_id_ASTM           ? 
_citation.journal_id_CSD            ? 
_citation.journal_id_ISSN           1545-9985 
_citation.journal_full              ? 
_citation.journal_issue             ? 
_citation.journal_volume            25 
_citation.language                  ? 
_citation.page_first                463 
_citation.page_last                 471 
_citation.title                     
'Atomic structures of TDP-43 LCD segments and insights into reversible or pathogenic aggregation.' 
_citation.year                      2018 
_citation.database_id_CSD           ? 
_citation.pdbx_database_id_DOI      10.1038/s41594-018-0064-2 
_citation.pdbx_database_id_PubMed   29786080 
_citation.unpublished_flag          ? 
# 
loop_
_citation_author.citation_id 
_citation_author.name 
_citation_author.ordinal 
_citation_author.identifier_ORCID 
primary 'Guenther, E.L.'  1  ? 
primary 'Cao, Q.'         2  ? 
primary 'Trinh, H.'       3  ? 
primary 'Lu, J.'          4  ? 
primary 'Sawaya, M.R.'    5  ? 
primary 'Cascio, D.'      6  ? 
primary 'Boyer, D.R.'     7  ? 
primary 'Rodriguez, J.A.' 8  ? 
primary 'Hughes, M.P.'    9  ? 
primary 'Eisenberg, D.S.' 10 ? 
# 
loop_
_entity.id 
_entity.type 
_entity.src_method 
_entity.pdbx_description 
_entity.formula_weight 
_entity.pdbx_number_of_molecules 
_entity.pdbx_ec 
_entity.pdbx_mutation 
_entity.pdbx_fragment 
_entity.details 
1 polymer syn AMMAAA 564.718 2 ? ? 'residues 321-326' ? 
2 water   nat water  18.015  4 ? ? ?                  ? 
# 
_entity_poly.entity_id                      1 
_entity_poly.type                           'polypeptide(L)' 
_entity_poly.nstd_linkage                   no 
_entity_poly.nstd_monomer                   no 
_entity_poly.pdbx_seq_one_letter_code       AMMAAA 
_entity_poly.pdbx_seq_one_letter_code_can   AMMAAA 
_entity_poly.pdbx_strand_id                 A,B 
_entity_poly.pdbx_target_identifier         ? 
# 
_pdbx_entity_nonpoly.entity_id   2 
_pdbx_entity_nonpoly.name        water 
_pdbx_entity_nonpoly.comp_id     HOH 
# 
loop_
_entity_poly_seq.entity_id 
_entity_poly_seq.num 
_entity_poly_seq.mon_id 
_entity_poly_seq.hetero 
1 1 ALA n 
1 2 MET n 
1 3 MET n 
1 4 ALA n 
1 5 ALA n 
1 6 ALA n 
# 
_pdbx_entity_src_syn.entity_id              1 
_pdbx_entity_src_syn.pdbx_src_id            1 
_pdbx_entity_src_syn.pdbx_alt_source_flag   sample 
_pdbx_entity_src_syn.pdbx_beg_seq_num       1 
_pdbx_entity_src_syn.pdbx_end_seq_num       6 
_pdbx_entity_src_syn.organism_scientific    'Homo sapiens' 
_pdbx_entity_src_syn.organism_common_name   ? 
_pdbx_entity_src_syn.ncbi_taxonomy_id       9606 
_pdbx_entity_src_syn.details                'Synthetic peptide AMMAAA corresponding to segment 321-326 of TDP-43' 
# 
loop_
_chem_comp.id 
_chem_comp.type 
_chem_comp.mon_nstd_flag 
_chem_comp.name 
_chem_comp.pdbx_synonyms 
_chem_comp.formula 
_chem_comp.formula_weight 
ALA 'L-peptide linking' y ALANINE    ? 'C3 H7 N O2'    89.093  
HOH non-polymer         . WATER      ? 'H2 O'          18.015  
MET 'L-peptide linking' y METHIONINE ? 'C5 H11 N O2 S' 149.211 
# 
loop_
_pdbx_poly_seq_scheme.asym_id 
_pdbx_poly_seq_scheme.entity_id 
_pdbx_poly_seq_scheme.seq_id 
_pdbx_poly_seq_scheme.mon_id 
_pdbx_poly_seq_scheme.ndb_seq_num 
_pdbx_poly_seq_scheme.pdb_seq_num 
_pdbx_poly_seq_scheme.auth_seq_num 
_pdbx_poly_seq_scheme.pdb_mon_id 
_pdbx_poly_seq_scheme.auth_mon_id 
_pdbx_poly_seq_scheme.pdb_strand_id 
_pdbx_poly_seq_scheme.pdb_ins_code 
_pdbx_poly_seq_scheme.hetero 
A 1 1 ALA 1 321 321 ALA ALA A . n 
A 1 2 MET 2 322 322 MET MET A . n 
A 1 3 MET 3 323 323 MET MET A . n 
A 1 4 ALA 4 324 324 ALA ALA A . n 
A 1 5 ALA 5 325 325 ALA ALA A . n 
A 1 6 ALA 6 326 326 ALA ALA A . n 
B 1 1 ALA 1 321 321 ALA ALA B . n 
B 1 2 MET 2 322 322 MET MET B . n 
B 1 3 MET 3 323 323 MET MET B . n 
B 1 4 ALA 4 324 324 ALA ALA B . n 
B 1 5 ALA 5 325 325 ALA ALA B . n 
B 1 6 ALA 6 326 326 ALA ALA B . n 
# 
loop_
_pdbx_nonpoly_scheme.asym_id 
_pdbx_nonpoly_scheme.entity_id 
_pdbx_nonpoly_scheme.mon_id 
_pdbx_nonpoly_scheme.ndb_seq_num 
_pdbx_nonpoly_scheme.pdb_seq_num 
_pdbx_nonpoly_scheme.auth_seq_num 
_pdbx_nonpoly_scheme.pdb_mon_id 
_pdbx_nonpoly_scheme.auth_mon_id 
_pdbx_nonpoly_scheme.pdb_strand_id 
_pdbx_nonpoly_scheme.pdb_ins_code 
C 2 HOH 1 401 5 HOH HOH A . 
C 2 HOH 2 402 6 HOH HOH A . 
C 2 HOH 3 403 4 HOH HOH A . 
C 2 HOH 4 404 1 HOH HOH A . 
# 
loop_
_software.citation_id 
_software.classification 
_software.compiler_name 
_software.compiler_version 
_software.contact_author 
_software.contact_author_email 
_software.date 
_software.description 
_software.dependencies 
_software.hardware 
_software.language 
_software.location 
_software.mods 
_software.name 
_software.os 
_software.os_version 
_software.type 
_software.version 
_software.pdbx_ordinal 
? 'data reduction'  ? ? 'Wolfgang Kabsch'    Wolfgang.Kabsch@mpimf-heidelberg.mpg.de ?                                         ? ? 
? ?          http://www.mpimf-heidelberg.mpg.de/~kabsch/xds/                             ? XDS         ? ? package .      1 
? 'data scaling'    ? ? 'Wolfgang Kabsch'    ?                                       ?                                         ? ? 
? ?          http://www.mpimf-heidelberg.mpg.de/~kabsch/xds/html_doc/xscale_program.html ? XSCALE      ? ? package .      2 
? phasing           ? ? 'Randy J. Read'      cimr-phaser@lists.cam.ac.uk             'Thu Apr 13 21:00:51 2017 (svn exported)' ? ? 
? ?          http://www-structmed.cimr.cam.ac.uk/phaser/                                 ? PHASER      ? ? program 2.7.17 3 
? refinement        ? ? 'Garib N. Murshudov' garib@ysbl.york.ac.uk                   ?                                         ? ? 
? Fortran_77 http://www.ccp4.ac.uk/dist/html/refmac5.html                                ? REFMAC      ? ? program .      4 
? 'data extraction' ? ? PDB                  deposit@deposit.rcsb.org                'Sep. 1, 2017'                            ? ? 
? C++        http://sw-tools.pdb.org/apps/PDB_EXTRACT/                                   ? PDB_EXTRACT ? ? package 3.24   5 
# 
_cell.angle_alpha                  90.000 
_cell.angle_alpha_esd              ? 
_cell.angle_beta                   90.000 
_cell.angle_beta_esd               ? 
_cell.angle_gamma                  90.000 
_cell.angle_gamma_esd              ? 
_cell.entry_id                     6CEW 
_cell.details                      ? 
_cell.formula_units_Z              ? 
_cell.length_a                     9.520 
_cell.length_a_esd                 ? 
_cell.length_b                     15.440 
_cell.length_b_esd                 ? 
_cell.length_c                     44.100 
_cell.length_c_esd                 ? 
_cell.volume                       ? 
_cell.volume_esd                   ? 
_cell.Z_PDB                        8 
_cell.reciprocal_angle_alpha       ? 
_cell.reciprocal_angle_beta        ? 
_cell.reciprocal_angle_gamma       ? 
_cell.reciprocal_angle_alpha_esd   ? 
_cell.reciprocal_angle_beta_esd    ? 
_cell.reciprocal_angle_gamma_esd   ? 
_cell.reciprocal_length_a          ? 
_cell.reciprocal_length_b          ? 
_cell.reciprocal_length_c          ? 
_cell.reciprocal_length_a_esd      ? 
_cell.reciprocal_length_b_esd      ? 
_cell.reciprocal_length_c_esd      ? 
_cell.pdbx_unique_axis             ? 
# 
_symmetry.entry_id                         6CEW 
_symmetry.cell_setting                     ? 
_symmetry.Int_Tables_number                19 
_symmetry.space_group_name_Hall            ? 
_symmetry.space_group_name_H-M             'P 21 21 21' 
_symmetry.pdbx_full_space_group_name_H-M   ? 
# 
_exptl.absorpt_coefficient_mu     ? 
_exptl.absorpt_correction_T_max   ? 
_exptl.absorpt_correction_T_min   ? 
_exptl.absorpt_correction_type    ? 
_exptl.absorpt_process_details    ? 
_exptl.entry_id                   6CEW 
_exptl.crystals_number            1 
_exptl.details                    ? 
_exptl.method                     'X-RAY DIFFRACTION' 
_exptl.method_details             ? 
# 
_exptl_crystal.colour                      ? 
_exptl_crystal.density_diffrn              ? 
_exptl_crystal.density_Matthews            1.43 
_exptl_crystal.density_method              ? 
_exptl_crystal.density_percent_sol         ? 
_exptl_crystal.description                 ? 
_exptl_crystal.F_000                       ? 
_exptl_crystal.id                          1 
_exptl_crystal.preparation                 ? 
_exptl_crystal.size_max                    ? 
_exptl_crystal.size_mid                    ? 
_exptl_crystal.size_min                    ? 
_exptl_crystal.size_rad                    ? 
_exptl_crystal.colour_lustre               ? 
_exptl_crystal.colour_modifier             ? 
_exptl_crystal.colour_primary              ? 
_exptl_crystal.density_meas                ? 
_exptl_crystal.density_meas_esd            ? 
_exptl_crystal.density_meas_gt             ? 
_exptl_crystal.density_meas_lt             ? 
_exptl_crystal.density_meas_temp           ? 
_exptl_crystal.density_meas_temp_esd       ? 
_exptl_crystal.density_meas_temp_gt        ? 
_exptl_crystal.density_meas_temp_lt        ? 
_exptl_crystal.pdbx_crystal_image_url      ? 
_exptl_crystal.pdbx_crystal_image_format   ? 
_exptl_crystal.pdbx_mosaicity              ? 
_exptl_crystal.pdbx_mosaicity_esd          ? 
# 
_exptl_crystal_grow.apparatus       ? 
_exptl_crystal_grow.atmosphere      ? 
_exptl_crystal_grow.crystal_id      1 
_exptl_crystal_grow.details         ? 
_exptl_crystal_grow.method          'VAPOR DIFFUSION, HANGING DROP' 
_exptl_crystal_grow.method_ref      ? 
_exptl_crystal_grow.pH              6.3 
_exptl_crystal_grow.pressure        ? 
_exptl_crystal_grow.pressure_esd    ? 
_exptl_crystal_grow.seeding         ? 
_exptl_crystal_grow.seeding_ref     ? 
_exptl_crystal_grow.temp            298 
_exptl_crystal_grow.temp_details    ? 
_exptl_crystal_grow.temp_esd        ? 
_exptl_crystal_grow.time            ? 
_exptl_crystal_grow.pdbx_details    '1.3 M ammonium phosphate, 0.1 M sodium acetate pH 6.3' 
_exptl_crystal_grow.pdbx_pH_range   ? 
# 
_diffrn.ambient_environment    ? 
_diffrn.ambient_temp           100 
_diffrn.ambient_temp_details   ? 
_diffrn.ambient_temp_esd       ? 
_diffrn.crystal_id             1 
_diffrn.crystal_support        ? 
_diffrn.crystal_treatment      ? 
_diffrn.details                ? 
_diffrn.id                     1 
_diffrn.ambient_pressure       ? 
_diffrn.ambient_pressure_esd   ? 
_diffrn.ambient_pressure_gt    ? 
_diffrn.ambient_pressure_lt    ? 
_diffrn.ambient_temp_gt        ? 
_diffrn.ambient_temp_lt        ? 
# 
_diffrn_detector.details                      ? 
_diffrn_detector.detector                     PIXEL 
_diffrn_detector.diffrn_id                    1 
_diffrn_detector.type                         'DECTRIS EIGER X 16M' 
_diffrn_detector.area_resol_mean              ? 
_diffrn_detector.dtime                        ? 
_diffrn_detector.pdbx_frames_total            ? 
_diffrn_detector.pdbx_collection_time_total   ? 
_diffrn_detector.pdbx_collection_date         2017-12-01 
# 
_diffrn_radiation.collimation                      ? 
_diffrn_radiation.diffrn_id                        1 
_diffrn_radiation.filter_edge                      ? 
_diffrn_radiation.inhomogeneity                    ? 
_diffrn_radiation.monochromator                    ? 
_diffrn_radiation.polarisn_norm                    ? 
_diffrn_radiation.polarisn_ratio                   ? 
_diffrn_radiation.probe                            ? 
_diffrn_radiation.type                             ? 
_diffrn_radiation.xray_symbol                      ? 
_diffrn_radiation.wavelength_id                    1 
_diffrn_radiation.pdbx_monochromatic_or_laue_m_l   M 
_diffrn_radiation.pdbx_wavelength_list             ? 
_diffrn_radiation.pdbx_wavelength                  ? 
_diffrn_radiation.pdbx_diffrn_protocol             'SINGLE WAVELENGTH' 
_diffrn_radiation.pdbx_analyzer                    ? 
_diffrn_radiation.pdbx_scattering_type             x-ray 
# 
_diffrn_radiation_wavelength.id           1 
_diffrn_radiation_wavelength.wavelength   0.9791 
_diffrn_radiation_wavelength.wt           1.0 
# 
_diffrn_source.current                     ? 
_diffrn_source.details                     ? 
_diffrn_source.diffrn_id                   1 
_diffrn_source.power                       ? 
_diffrn_source.size                        ? 
_diffrn_source.source                      SYNCHROTRON 
_diffrn_source.target                      ? 
_diffrn_source.type                        'APS BEAMLINE 24-ID-E' 
_diffrn_source.voltage                     ? 
_diffrn_source.take-off_angle              ? 
_diffrn_source.pdbx_wavelength_list        0.9791 
_diffrn_source.pdbx_wavelength             ? 
_diffrn_source.pdbx_synchrotron_beamline   24-ID-E 
_diffrn_source.pdbx_synchrotron_site       APS 
# 
_reflns.B_iso_Wilson_estimate            12.836 
_reflns.entry_id                         6CEW 
_reflns.data_reduction_details           ? 
_reflns.data_reduction_method            ? 
_reflns.d_resolution_high                1.200 
_reflns.d_resolution_low                 22.050 
_reflns.details                          ? 
_reflns.limit_h_max                      ? 
_reflns.limit_h_min                      ? 
_reflns.limit_k_max                      ? 
_reflns.limit_k_min                      ? 
_reflns.limit_l_max                      ? 
_reflns.limit_l_min                      ? 
_reflns.number_all                       ? 
_reflns.number_obs                       2209 
_reflns.observed_criterion               ? 
_reflns.observed_criterion_F_max         ? 
_reflns.observed_criterion_F_min         ? 
_reflns.observed_criterion_I_max         ? 
_reflns.observed_criterion_I_min         ? 
_reflns.observed_criterion_sigma_F       ? 
_reflns.observed_criterion_sigma_I       ? 
_reflns.percent_possible_obs             96.000 
_reflns.R_free_details                   ? 
_reflns.Rmerge_F_all                     ? 
_reflns.Rmerge_F_obs                     ? 
_reflns.Friedel_coverage                 ? 
_reflns.number_gt                        ? 
_reflns.threshold_expression             ? 
_reflns.pdbx_redundancy                  3.507 
_reflns.pdbx_Rmerge_I_obs                0.181 
_reflns.pdbx_Rmerge_I_all                ? 
_reflns.pdbx_Rsym_value                  ? 
_reflns.pdbx_netI_over_av_sigmaI         ? 
_reflns.pdbx_netI_over_sigmaI            3.160 
_reflns.pdbx_res_netI_over_av_sigmaI_2   ? 
_reflns.pdbx_res_netI_over_sigmaI_2      ? 
_reflns.pdbx_chi_squared                 0.781 
_reflns.pdbx_scaling_rejects             ? 
_reflns.pdbx_d_res_high_opt              ? 
_reflns.pdbx_d_res_low_opt               ? 
_reflns.pdbx_d_res_opt_method            ? 
_reflns.phase_calculation_details        ? 
_reflns.pdbx_Rrim_I_all                  0.214 
_reflns.pdbx_Rpim_I_all                  ? 
_reflns.pdbx_d_opt                       ? 
_reflns.pdbx_number_measured_all         ? 
_reflns.pdbx_diffrn_id                   1 
_reflns.pdbx_ordinal                     1 
_reflns.pdbx_CC_half                     0.995 
_reflns.pdbx_R_split                     ? 
# 
loop_
_reflns_shell.d_res_high 
_reflns_shell.d_res_low 
_reflns_shell.meanI_over_sigI_all 
_reflns_shell.meanI_over_sigI_obs 
_reflns_shell.number_measured_all 
_reflns_shell.number_measured_obs 
_reflns_shell.number_possible 
_reflns_shell.number_unique_all 
_reflns_shell.number_unique_obs 
_reflns_shell.percent_possible_all 
_reflns_shell.percent_possible_obs 
_reflns_shell.Rmerge_F_all 
_reflns_shell.Rmerge_F_obs 
_reflns_shell.Rmerge_I_all 
_reflns_shell.Rmerge_I_obs 
_reflns_shell.meanI_over_sigI_gt 
_reflns_shell.meanI_over_uI_all 
_reflns_shell.meanI_over_uI_gt 
_reflns_shell.number_measured_gt 
_reflns_shell.number_unique_gt 
_reflns_shell.percent_possible_gt 
_reflns_shell.Rmerge_F_gt 
_reflns_shell.Rmerge_I_gt 
_reflns_shell.pdbx_redundancy 
_reflns_shell.pdbx_Rsym_value 
_reflns_shell.pdbx_chi_squared 
_reflns_shell.pdbx_netI_over_sigmaI_all 
_reflns_shell.pdbx_netI_over_sigmaI_obs 
_reflns_shell.pdbx_Rrim_I_all 
_reflns_shell.pdbx_Rpim_I_all 
_reflns_shell.pdbx_rejects 
_reflns_shell.pdbx_ordinal 
_reflns_shell.pdbx_diffrn_id 
_reflns_shell.pdbx_CC_half 
_reflns_shell.pdbx_R_split 
1.200 1.230  ? 1.430 ? ? ? ? 145 99.300  ? ? ? ? 0.683 ? ? ? ? ? ? ? ? 3.497 ? ? ? ? 0.800 ? ? 1  1 0.692 ? 
1.230 1.270  ? 1.620 ? ? ? ? 155 99.400  ? ? ? ? 0.617 ? ? ? ? ? ? ? ? 3.600 ? ? ? ? 0.722 ? ? 2  1 0.886 ? 
1.270 1.300  ? 1.570 ? ? ? ? 154 92.800  ? ? ? ? 0.579 ? ? ? ? ? ? ? ? 3.390 ? ? ? ? 0.677 ? ? 3  1 0.844 ? 
1.300 1.340  ? 1.920 ? ? ? ? 125 88.000  ? ? ? ? 0.484 ? ? ? ? ? ? ? ? 3.624 ? ? ? ? 0.559 ? ? 4  1 0.889 ? 
1.340 1.390  ? 2.330 ? ? ? ? 144 92.900  ? ? ? ? 0.441 ? ? ? ? ? ? ? ? 3.792 ? ? ? ? 0.517 ? ? 5  1 0.819 ? 
1.390 1.440  ? 2.110 ? ? ? ? 134 99.300  ? ? ? ? 0.536 ? ? ? ? ? ? ? ? 3.858 ? ? ? ? 0.621 ? ? 6  1 0.809 ? 
1.440 1.490  ? 2.530 ? ? ? ? 136 98.600  ? ? ? ? 0.367 ? ? ? ? ? ? ? ? 3.618 ? ? ? ? 0.430 ? ? 7  1 0.940 ? 
1.490 1.550  ? 2.710 ? ? ? ? 134 95.000  ? ? ? ? 0.357 ? ? ? ? ? ? ? ? 3.515 ? ? ? ? 0.415 ? ? 8  1 0.940 ? 
1.550 1.620  ? 2.800 ? ? ? ? 120 90.200  ? ? ? ? 0.344 ? ? ? ? ? ? ? ? 3.642 ? ? ? ? 0.401 ? ? 9  1 0.896 ? 
1.620 1.700  ? 3.520 ? ? ? ? 111 97.400  ? ? ? ? 0.249 ? ? ? ? ? ? ? ? 3.586 ? ? ? ? 0.297 ? ? 10 1 0.981 ? 
1.700 1.790  ? 3.670 ? ? ? ? 115 93.500  ? ? ? ? 0.260 ? ? ? ? ? ? ? ? 3.313 ? ? ? ? 0.303 ? ? 11 1 0.983 ? 
1.790 1.900  ? 4.140 ? ? ? ? 114 95.000  ? ? ? ? 0.237 ? ? ? ? ? ? ? ? 3.474 ? ? ? ? 0.277 ? ? 12 1 0.973 ? 
1.900 2.030  ? 4.220 ? ? ? ? 102 97.100  ? ? ? ? 0.227 ? ? ? ? ? ? ? ? 3.725 ? ? ? ? 0.263 ? ? 13 1 0.938 ? 
2.030 2.190  ? 4.570 ? ? ? ? 96  99.000  ? ? ? ? 0.179 ? ? ? ? ? ? ? ? 3.573 ? ? ? ? 0.205 ? ? 14 1 0.969 ? 
2.190 2.400  ? 5.020 ? ? ? ? 96  98.000  ? ? ? ? 0.185 ? ? ? ? ? ? ? ? 3.229 ? ? ? ? 0.221 ? ? 15 1 0.962 ? 
2.400 2.690  ? 4.920 ? ? ? ? 81  98.800  ? ? ? ? 0.170 ? ? ? ? ? ? ? ? 3.432 ? ? ? ? 0.209 ? ? 16 1 0.953 ? 
2.690 3.100  ? 5.440 ? ? ? ? 82  98.800  ? ? ? ? 0.131 ? ? ? ? ? ? ? ? 3.159 ? ? ? ? 0.158 ? ? 17 1 0.947 ? 
3.100 3.800  ? 5.620 ? ? ? ? 62  95.400  ? ? ? ? 0.124 ? ? ? ? ? ? ? ? 3.274 ? ? ? ? 0.144 ? ? 18 1 0.974 ? 
3.800 5.370  ? 5.870 ? ? ? ? 63  100.000 ? ? ? ? 0.103 ? ? ? ? ? ? ? ? 3.063 ? ? ? ? 0.126 ? ? 19 1 0.997 ? 
5.370 22.050 ? 4.480 ? ? ? ? 40  100.000 ? ? ? ? 0.031 ? ? ? ? ? ? ? ? 2.600 ? ? ? ? 0.038 ? ? 20 1 1.000 ? 
# 
_refine.aniso_B[1][1]                            -0.6400 
_refine.aniso_B[1][2]                            0.0000 
_refine.aniso_B[1][3]                            -0.0000 
_refine.aniso_B[2][2]                            0.8500 
_refine.aniso_B[2][3]                            0.0000 
_refine.aniso_B[3][3]                            -0.2100 
_refine.B_iso_max                                25.380 
_refine.B_iso_mean                               9.4250 
_refine.B_iso_min                                6.160 
_refine.correlation_coeff_Fo_to_Fc               0.9290 
_refine.correlation_coeff_Fo_to_Fc_free          0.9550 
_refine.details                                  
'HYDROGENS HAVE BEEN ADDED IN THE RIDING POSITIONS U VALUES      : REFINED INDIVIDUALLY' 
_refine.diff_density_max                         ? 
_refine.diff_density_max_esd                     ? 
_refine.diff_density_min                         ? 
_refine.diff_density_min_esd                     ? 
_refine.diff_density_rms                         ? 
_refine.diff_density_rms_esd                     ? 
_refine.entry_id                                 6CEW 
_refine.pdbx_refine_id                           'X-RAY DIFFRACTION' 
_refine.ls_abs_structure_details                 ? 
_refine.ls_abs_structure_Flack                   ? 
_refine.ls_abs_structure_Flack_esd               ? 
_refine.ls_abs_structure_Rogers                  ? 
_refine.ls_abs_structure_Rogers_esd              ? 
_refine.ls_d_res_high                            1.2000 
_refine.ls_d_res_low                             22.0500 
_refine.ls_extinction_coef                       ? 
_refine.ls_extinction_coef_esd                   ? 
_refine.ls_extinction_expression                 ? 
_refine.ls_extinction_method                     ? 
_refine.ls_goodness_of_fit_all                   ? 
_refine.ls_goodness_of_fit_all_esd               ? 
_refine.ls_goodness_of_fit_obs                   ? 
_refine.ls_goodness_of_fit_obs_esd               ? 
_refine.ls_hydrogen_treatment                    ? 
_refine.ls_matrix_type                           ? 
_refine.ls_number_constraints                    ? 
_refine.ls_number_parameters                     ? 
_refine.ls_number_reflns_all                     ? 
_refine.ls_number_reflns_obs                     2078 
_refine.ls_number_reflns_R_free                  108 
_refine.ls_number_reflns_R_work                  ? 
_refine.ls_number_restraints                     ? 
_refine.ls_percent_reflns_obs                    96.0900 
_refine.ls_percent_reflns_R_free                 4.9000 
_refine.ls_R_factor_all                          ? 
_refine.ls_R_factor_obs                          0.1989 
_refine.ls_R_factor_R_free                       0.2184 
_refine.ls_R_factor_R_free_error                 ? 
_refine.ls_R_factor_R_free_error_details         ? 
_refine.ls_R_factor_R_work                       0.1979 
_refine.ls_R_Fsqd_factor_obs                     ? 
_refine.ls_R_I_factor_obs                        ? 
_refine.ls_redundancy_reflns_all                 ? 
_refine.ls_redundancy_reflns_obs                 ? 
_refine.ls_restrained_S_all                      ? 
_refine.ls_restrained_S_obs                      ? 
_refine.ls_shift_over_esd_max                    ? 
_refine.ls_shift_over_esd_mean                   ? 
_refine.ls_structure_factor_coef                 ? 
_refine.ls_weighting_details                     ? 
_refine.ls_weighting_scheme                      ? 
_refine.ls_wR_factor_all                         ? 
_refine.ls_wR_factor_obs                         ? 
_refine.ls_wR_factor_R_free                      ? 
_refine.ls_wR_factor_R_work                      ? 
_refine.occupancy_max                            ? 
_refine.occupancy_min                            ? 
_refine.solvent_model_details                    ? 
_refine.solvent_model_param_bsol                 ? 
_refine.solvent_model_param_ksol                 ? 
_refine.ls_R_factor_gt                           ? 
_refine.ls_goodness_of_fit_gt                    ? 
_refine.ls_goodness_of_fit_ref                   ? 
_refine.ls_shift_over_su_max                     ? 
_refine.ls_shift_over_su_max_lt                  ? 
_refine.ls_shift_over_su_mean                    ? 
_refine.ls_shift_over_su_mean_lt                 ? 
_refine.pdbx_ls_sigma_I                          ? 
_refine.pdbx_ls_sigma_F                          0.000 
_refine.pdbx_ls_sigma_Fsqd                       ? 
_refine.pdbx_data_cutoff_high_absF               ? 
_refine.pdbx_data_cutoff_high_rms_absF           ? 
_refine.pdbx_data_cutoff_low_absF                ? 
_refine.pdbx_isotropic_thermal_model             ? 
_refine.pdbx_ls_cross_valid_method               THROUGHOUT 
_refine.pdbx_method_to_determine_struct          'MOLECULAR REPLACEMENT' 
_refine.pdbx_starting_model                      'IDEAL BETA STRAND' 
_refine.pdbx_stereochemistry_target_values       ? 
_refine.pdbx_R_Free_selection_details            RANDOM 
_refine.pdbx_stereochem_target_val_spec_case     ? 
_refine.pdbx_overall_ESU_R                       0.0610 
_refine.pdbx_overall_ESU_R_Free                  0.0540 
_refine.pdbx_solvent_vdw_probe_radii             1.2000 
_refine.pdbx_solvent_ion_probe_radii             0.8000 
_refine.pdbx_solvent_shrinkage_radii             0.8000 
_refine.pdbx_real_space_R                        ? 
_refine.pdbx_density_correlation                 ? 
_refine.pdbx_pd_number_of_powder_patterns        ? 
_refine.pdbx_pd_number_of_points                 ? 
_refine.pdbx_pd_meas_number_of_points            ? 
_refine.pdbx_pd_proc_ls_prof_R_factor            ? 
_refine.pdbx_pd_proc_ls_prof_wR_factor           ? 
_refine.pdbx_pd_Marquardt_correlation_coeff      ? 
_refine.pdbx_pd_Fsqrd_R_factor                   ? 
_refine.pdbx_pd_ls_matrix_band_width             ? 
_refine.pdbx_overall_phase_error                 ? 
_refine.pdbx_overall_SU_R_free_Cruickshank_DPI   ? 
_refine.pdbx_overall_SU_R_free_Blow_DPI          ? 
_refine.pdbx_overall_SU_R_Blow_DPI               ? 
_refine.pdbx_TLS_residual_ADP_flag               ? 
_refine.pdbx_diffrn_id                           1 
_refine.overall_SU_B                             2.2860 
_refine.overall_SU_ML                            0.0450 
_refine.overall_SU_R_Cruickshank_DPI             0.0612 
_refine.overall_SU_R_free                        ? 
_refine.overall_FOM_free_R_set                   ? 
_refine.overall_FOM_work_R_set                   ? 
_refine.pdbx_average_fsc_overall                 ? 
_refine.pdbx_average_fsc_work                    ? 
_refine.pdbx_average_fsc_free                    ? 
# 
_refine_hist.cycle_id                         final 
_refine_hist.pdbx_refine_id                   'X-RAY DIFFRACTION' 
_refine_hist.d_res_high                       1.2000 
_refine_hist.d_res_low                        22.0500 
_refine_hist.pdbx_number_atoms_ligand         0 
_refine_hist.number_atoms_solvent             4 
_refine_hist.number_atoms_total               78 
_refine_hist.pdbx_number_residues_total       12 
_refine_hist.pdbx_B_iso_mean_solvent          22.32 
_refine_hist.pdbx_number_atoms_protein        74 
_refine_hist.pdbx_number_atoms_nucleic_acid   0 
# 
loop_
_refine_ls_restr.pdbx_refine_id 
_refine_ls_restr.criterion 
_refine_ls_restr.dev_ideal 
_refine_ls_restr.dev_ideal_target 
_refine_ls_restr.number 
_refine_ls_restr.rejects 
_refine_ls_restr.type 
_refine_ls_restr.weight 
_refine_ls_restr.pdbx_restraint_function 
'X-RAY DIFFRACTION' ? 0.012  0.020  78  ? r_bond_refined_d       ? ? 
'X-RAY DIFFRACTION' ? 0.002  0.020  88  ? r_bond_other_d         ? ? 
'X-RAY DIFFRACTION' ? 1.431  2.028  103 ? r_angle_refined_deg    ? ? 
'X-RAY DIFFRACTION' ? 0.629  3.000  200 ? r_angle_other_deg      ? ? 
'X-RAY DIFFRACTION' ? 5.912  5.000  12  ? r_dihedral_angle_1_deg ? ? 
'X-RAY DIFFRACTION' ? 13.127 15.000 15  ? r_dihedral_angle_3_deg ? ? 
'X-RAY DIFFRACTION' ? 0.058  0.200  13  ? r_chiral_restr         ? ? 
'X-RAY DIFFRACTION' ? 0.003  0.020  85  ? r_gen_planes_refined   ? ? 
'X-RAY DIFFRACTION' ? 0.001  0.020  11  ? r_gen_planes_other     ? ? 
'X-RAY DIFFRACTION' ? 2.079  3.000  166 ? r_rigid_bond_restr     ? ? 
'X-RAY DIFFRACTION' ? 20.464 5.000  3   ? r_sphericity_free      ? ? 
'X-RAY DIFFRACTION' ? 3.626  5.000  168 ? r_sphericity_bonded    ? ? 
# 
_refine_ls_shell.pdbx_refine_id                   'X-RAY DIFFRACTION' 
_refine_ls_shell.d_res_high                       1.2010 
_refine_ls_shell.d_res_low                        1.2320 
_refine_ls_shell.number_reflns_all                145 
_refine_ls_shell.number_reflns_obs                ? 
_refine_ls_shell.number_reflns_R_free             12 
_refine_ls_shell.number_reflns_R_work             133 
_refine_ls_shell.percent_reflns_obs               98.6400 
_refine_ls_shell.percent_reflns_R_free            ? 
_refine_ls_shell.R_factor_all                     ? 
_refine_ls_shell.R_factor_obs                     ? 
_refine_ls_shell.R_factor_R_free                  0.2610 
_refine_ls_shell.R_factor_R_free_error            0.0000 
_refine_ls_shell.R_factor_R_work                  0.2610 
_refine_ls_shell.redundancy_reflns_all            ? 
_refine_ls_shell.redundancy_reflns_obs            ? 
_refine_ls_shell.wR_factor_all                    ? 
_refine_ls_shell.wR_factor_obs                    ? 
_refine_ls_shell.wR_factor_R_free                 ? 
_refine_ls_shell.wR_factor_R_work                 ? 
_refine_ls_shell.pdbx_total_number_of_bins_used   20 
_refine_ls_shell.pdbx_phase_error                 ? 
_refine_ls_shell.pdbx_fsc_work                    ? 
_refine_ls_shell.pdbx_fsc_free                    ? 
# 
_struct.entry_id                     6CEW 
_struct.title                        'Segment AMMAAA from the low complexity domain of TDP-43, residues 321-326' 
_struct.pdbx_model_details           ? 
_struct.pdbx_formula_weight          ? 
_struct.pdbx_formula_weight_method   ? 
_struct.pdbx_model_type_details      ? 
_struct.pdbx_CASP_flag               N 
# 
_struct_keywords.entry_id        6CEW 
_struct_keywords.text            'Amyloid, Steric-zipper, PROTEIN FIBRIL' 
_struct_keywords.pdbx_keywords   'PROTEIN FIBRIL' 
# 
loop_
_struct_asym.id 
_struct_asym.pdbx_blank_PDB_chainid_flag 
_struct_asym.pdbx_modified 
_struct_asym.entity_id 
_struct_asym.details 
A N N 1 ? 
B N N 1 ? 
C N N 2 ? 
# 
_struct_ref.id                         1 
_struct_ref.db_name                    PDB 
_struct_ref.db_code                    6CEW 
_struct_ref.pdbx_db_accession          6CEW 
_struct_ref.pdbx_db_isoform            ? 
_struct_ref.entity_id                  1 
_struct_ref.pdbx_seq_one_letter_code   ? 
_struct_ref.pdbx_align_begin           1 
# 
loop_
_struct_ref_seq.align_id 
_struct_ref_seq.ref_id 
_struct_ref_seq.pdbx_PDB_id_code 
_struct_ref_seq.pdbx_strand_id 
_struct_ref_seq.seq_align_beg 
_struct_ref_seq.pdbx_seq_align_beg_ins_code 
_struct_ref_seq.seq_align_end 
_struct_ref_seq.pdbx_seq_align_end_ins_code 
_struct_ref_seq.pdbx_db_accession 
_struct_ref_seq.db_align_beg 
_struct_ref_seq.pdbx_db_align_beg_ins_code 
_struct_ref_seq.db_align_end 
_struct_ref_seq.pdbx_db_align_end_ins_code 
_struct_ref_seq.pdbx_auth_seq_align_beg 
_struct_ref_seq.pdbx_auth_seq_align_end 
1 1 6CEW A 1 ? 6 ? 6CEW 321 ? 326 ? 321 326 
2 1 6CEW B 1 ? 6 ? 6CEW 321 ? 326 ? 321 326 
# 
_pdbx_struct_assembly.id                   1 
_pdbx_struct_assembly.details              author_defined_assembly 
_pdbx_struct_assembly.method_details       ? 
_pdbx_struct_assembly.oligomeric_details   dodecameric 
_pdbx_struct_assembly.oligomeric_count     12 
# 
_pdbx_struct_assembly_gen.assembly_id       1 
_pdbx_struct_assembly_gen.oper_expression   1,2,3,4,5,6 
_pdbx_struct_assembly_gen.asym_id_list      A,B,C 
# 
_pdbx_struct_assembly_auth_evidence.id                     1 
_pdbx_struct_assembly_auth_evidence.assembly_id            1 
_pdbx_struct_assembly_auth_evidence.experimental_support   none 
_pdbx_struct_assembly_auth_evidence.details                ? 
# 
loop_
_pdbx_struct_oper_list.id 
_pdbx_struct_oper_list.type 
_pdbx_struct_oper_list.name 
_pdbx_struct_oper_list.symmetry_operation 
_pdbx_struct_oper_list.matrix[1][1] 
_pdbx_struct_oper_list.matrix[1][2] 
_pdbx_struct_oper_list.matrix[1][3] 
_pdbx_struct_oper_list.vector[1] 
_pdbx_struct_oper_list.matrix[2][1] 
_pdbx_struct_oper_list.matrix[2][2] 
_pdbx_struct_oper_list.matrix[2][3] 
_pdbx_struct_oper_list.vector[2] 
_pdbx_struct_oper_list.matrix[3][1] 
_pdbx_struct_oper_list.matrix[3][2] 
_pdbx_struct_oper_list.matrix[3][3] 
_pdbx_struct_oper_list.vector[3] 
1 'identity operation'         1_555 x,y,z           1.0000000000  0.0000000000 0.0000000000 0.0000000000  0.0000000000 1.0000000000  0.0000000000 0.0000000000   0.0000000000 0.0000000000 1.0000000000 0.0000000000   
2 'crystal symmetry operation' 1_455 x-1,y,z         1.0000000000  0.0000000000 0.0000000000 3.3393579302  0.0000000000 1.0000000000  0.0000000000 3.9454132582   0.0000000000 0.0000000000 1.0000000000 7.9945483197   
3 'crystal symmetry operation' 1_655 x+1,y,z         1.0000000000  0.0000000000 0.0000000000 -3.3393579302 0.0000000000 1.0000000000  0.0000000000 -3.9454132582  0.0000000000 0.0000000000 1.0000000000 -7.9945483197  
4 'crystal symmetry operation' 4_555 x+1/2,-y+1/2,-z -0.7539167567 0.2907445416 0.5891325279 4.6352692268  0.2907445416 -0.6564886445 0.6960533537 -6.6186154712  0.5891325279 0.6960533537 0.4104054012 -4.3380624437  
5 'crystal symmetry operation' 4_455 x-1/2,-y+1/2,-z -0.7539167567 0.2907445416 0.5891325279 7.9746271570  0.2907445416 -0.6564886445 0.6960533537 -2.6732022130  0.5891325279 0.6960533537 0.4104054012 3.6564858760   
6 'crystal symmetry operation' 4_655 x+3/2,-y+1/2,-z -0.7539167567 0.2907445416 0.5891325279 1.2959112966  0.2907445416 -0.6564886445 0.6960533537 -10.5640287294 0.5891325279 0.6960533537 0.4104054012 -12.3326107634 
# 
_struct_sheet.id               AA1 
_struct_sheet.type             ? 
_struct_sheet.number_strands   2 
_struct_sheet.details          ? 
# 
_struct_sheet_order.sheet_id     AA1 
_struct_sheet_order.range_id_1   1 
_struct_sheet_order.range_id_2   2 
_struct_sheet_order.offset       ? 
_struct_sheet_order.sense        anti-parallel 
# 
loop_
_struct_sheet_range.sheet_id 
_struct_sheet_range.id 
_struct_sheet_range.beg_label_comp_id 
_struct_sheet_range.beg_label_asym_id 
_struct_sheet_range.beg_label_seq_id 
_struct_sheet_range.pdbx_beg_PDB_ins_code 
_struct_sheet_range.end_label_comp_id 
_struct_sheet_range.end_label_asym_id 
_struct_sheet_range.end_label_seq_id 
_struct_sheet_range.pdbx_end_PDB_ins_code 
_struct_sheet_range.beg_auth_comp_id 
_struct_sheet_range.beg_auth_asym_id 
_struct_sheet_range.beg_auth_seq_id 
_struct_sheet_range.end_auth_comp_id 
_struct_sheet_range.end_auth_asym_id 
_struct_sheet_range.end_auth_seq_id 
AA1 1 MET A 2 ? ALA A 5 ? MET A 322 ALA A 325 
AA1 2 MET B 2 ? ALA B 5 ? MET B 322 ALA B 325 
# 
_pdbx_struct_sheet_hbond.sheet_id                AA1 
_pdbx_struct_sheet_hbond.range_id_1              1 
_pdbx_struct_sheet_hbond.range_id_2              2 
_pdbx_struct_sheet_hbond.range_1_label_atom_id   N 
_pdbx_struct_sheet_hbond.range_1_label_comp_id   ALA 
_pdbx_struct_sheet_hbond.range_1_label_asym_id   A 
_pdbx_struct_sheet_hbond.range_1_label_seq_id    5 
_pdbx_struct_sheet_hbond.range_1_PDB_ins_code    ? 
_pdbx_struct_sheet_hbond.range_1_auth_atom_id    N 
_pdbx_struct_sheet_hbond.range_1_auth_comp_id    ALA 
_pdbx_struct_sheet_hbond.range_1_auth_asym_id    A 
_pdbx_struct_sheet_hbond.range_1_auth_seq_id     325 
_pdbx_struct_sheet_hbond.range_2_label_atom_id   O 
_pdbx_struct_sheet_hbond.range_2_label_comp_id   MET 
_pdbx_struct_sheet_hbond.range_2_label_asym_id   B 
_pdbx_struct_sheet_hbond.range_2_label_seq_id    2 
_pdbx_struct_sheet_hbond.range_2_PDB_ins_code    ? 
_pdbx_struct_sheet_hbond.range_2_auth_atom_id    O 
_pdbx_struct_sheet_hbond.range_2_auth_comp_id    MET 
_pdbx_struct_sheet_hbond.range_2_auth_asym_id    B 
_pdbx_struct_sheet_hbond.range_2_auth_seq_id     322 
# 
_pdbx_phasing_MR.entry_id                     6CEW 
_pdbx_phasing_MR.method_rotation              ? 
_pdbx_phasing_MR.method_translation           ? 
_pdbx_phasing_MR.model_details                'Phaser MODE: MR_AUTO' 
_pdbx_phasing_MR.R_factor                     ? 
_pdbx_phasing_MR.R_rigid_body                 ? 
_pdbx_phasing_MR.correlation_coeff_Fo_to_Fc   ? 
_pdbx_phasing_MR.correlation_coeff_Io_to_Ic   ? 
_pdbx_phasing_MR.d_res_high_rotation          1.530 
_pdbx_phasing_MR.d_res_low_rotation           22.080 
_pdbx_phasing_MR.d_res_high_translation       1.530 
_pdbx_phasing_MR.d_res_low_translation        22.080 
_pdbx_phasing_MR.packing                      ? 
_pdbx_phasing_MR.reflns_percent_rotation      ? 
_pdbx_phasing_MR.reflns_percent_translation   ? 
_pdbx_phasing_MR.sigma_F_rotation             ? 
_pdbx_phasing_MR.sigma_F_translation          ? 
_pdbx_phasing_MR.sigma_I_rotation             ? 
_pdbx_phasing_MR.sigma_I_translation          ? 
# 
_phasing.method   MR 
# 
loop_
_chem_comp_atom.comp_id 
_chem_comp_atom.atom_id 
_chem_comp_atom.type_symbol 
_chem_comp_atom.pdbx_aromatic_flag 
_chem_comp_atom.pdbx_stereo_config 
_chem_comp_atom.pdbx_ordinal 
ALA N   N N N 1  
ALA CA  C N S 2  
ALA C   C N N 3  
ALA O   O N N 4  
ALA CB  C N N 5  
ALA OXT O N N 6  
ALA H   H N N 7  
ALA H2  H N N 8  
ALA HA  H N N 9  
ALA HB1 H N N 10 
ALA HB2 H N N 11 
ALA HB3 H N N 12 
ALA HXT H N N 13 
HOH O   O N N 14 
HOH H1  H N N 15 
HOH H2  H N N 16 
MET N   N N N 17 
MET CA  C N S 18 
MET C   C N N 19 
MET O   O N N 20 
MET CB  C N N 21 
MET CG  C N N 22 
MET SD  S N N 23 
MET CE  C N N 24 
MET OXT O N N 25 
MET H   H N N 26 
MET H2  H N N 27 
MET HA  H N N 28 
MET HB2 H N N 29 
MET HB3 H N N 30 
MET HG2 H N N 31 
MET HG3 H N N 32 
MET HE1 H N N 33 
MET HE2 H N N 34 
MET HE3 H N N 35 
MET HXT H N N 36 
# 
loop_
_chem_comp_bond.comp_id 
_chem_comp_bond.atom_id_1 
_chem_comp_bond.atom_id_2 
_chem_comp_bond.value_order 
_chem_comp_bond.pdbx_aromatic_flag 
_chem_comp_bond.pdbx_stereo_config 
_chem_comp_bond.pdbx_ordinal 
ALA N   CA  sing N N 1  
ALA N   H   sing N N 2  
ALA N   H2  sing N N 3  
ALA CA  C   sing N N 4  
ALA CA  CB  sing N N 5  
ALA CA  HA  sing N N 6  
ALA C   O   doub N N 7  
ALA C   OXT sing N N 8  
ALA CB  HB1 sing N N 9  
ALA CB  HB2 sing N N 10 
ALA CB  HB3 sing N N 11 
ALA OXT HXT sing N N 12 
HOH O   H1  sing N N 13 
HOH O   H2  sing N N 14 
MET N   CA  sing N N 15 
MET N   H   sing N N 16 
MET N   H2  sing N N 17 
MET CA  C   sing N N 18 
MET CA  CB  sing N N 19 
MET CA  HA  sing N N 20 
MET C   O   doub N N 21 
MET C   OXT sing N N 22 
MET CB  CG  sing N N 23 
MET CB  HB2 sing N N 24 
MET CB  HB3 sing N N 25 
MET CG  SD  sing N N 26 
MET CG  HG2 sing N N 27 
MET CG  HG3 sing N N 28 
MET SD  CE  sing N N 29 
MET CE  HE1 sing N N 30 
MET CE  HE2 sing N N 31 
MET CE  HE3 sing N N 32 
MET OXT HXT sing N N 33 
# 
_pdbx_audit_support.funding_organization   'National Institutes of Health/National Institute on Aging (NIH/NIA)' 
_pdbx_audit_support.country                'United States' 
_pdbx_audit_support.grant_number           AG029430 
_pdbx_audit_support.ordinal                1 
# 
_pdbx_initial_refinement_model.accession_code   ? 
_pdbx_initial_refinement_model.id               1 
_pdbx_initial_refinement_model.entity_id_list   ? 
_pdbx_initial_refinement_model.type             'in silico model' 
_pdbx_initial_refinement_model.source_name      Other 
_pdbx_initial_refinement_model.details          'IDEAL BETA STRAND' 
# 
_atom_sites.entry_id                    6CEW 
_atom_sites.fract_transf_matrix[1][1]   -0.03684589 
_atom_sites.fract_transf_matrix[1][2]   -0.04353299 
_atom_sites.fract_transf_matrix[1][3]   -0.08821044 
_atom_sites.fract_transf_matrix[2][1]   0.05065279 
_atom_sites.fract_transf_matrix[2][2]   -0.04034229 
_atom_sites.fract_transf_matrix[2][3]   -0.00124845 
_atom_sites.fract_transf_matrix[3][1]   -0.01168009 
_atom_sites.fract_transf_matrix[3][2]   -0.01504601 
_atom_sites.fract_transf_matrix[3][3]   0.01230423 
_atom_sites.fract_transf_vector[1]      0.852335 
_atom_sites.fract_transf_vector[2]      -0.003607 
_atom_sites.fract_transf_vector[3]      0.003967 
# 
loop_
_atom_type.symbol 
C 
N 
O 
S 
# 
loop_
_atom_site.group_PDB 
_atom_site.id 
_atom_site.type_symbol 
_atom_site.label_atom_id 
_atom_site.label_alt_id 
_atom_site.label_comp_id 
_atom_site.label_asym_id 
_atom_site.label_entity_id 
_atom_site.label_seq_id 
_atom_site.pdbx_PDB_ins_code 
_atom_site.Cartn_x 
_atom_site.Cartn_y 
_atom_site.Cartn_z 
_atom_site.occupancy 
_atom_site.B_iso_or_equiv 
_atom_site.pdbx_formal_charge 
_atom_site.auth_seq_id 
_atom_site.auth_comp_id 
_atom_site.auth_asym_id 
_atom_site.auth_atom_id 
_atom_site.pdbx_PDB_model_num 
ATOM   1  N N   . ALA A 1 1 ? -5.542 -7.772  3.615  1.00 11.45 ? 321 ALA A N   1 
ATOM   2  C CA  . ALA A 1 1 ? -5.616 -6.860  2.433  1.00 10.64 ? 321 ALA A CA  1 
ATOM   3  C C   . ALA A 1 1 ? -4.385 -5.992  2.358  1.00 9.08  ? 321 ALA A C   1 
ATOM   4  O O   . ALA A 1 1 ? -3.790 -5.705  3.361  1.00 10.23 ? 321 ALA A O   1 
ATOM   5  C CB  . ALA A 1 1 ? -6.860 -6.016  2.475  1.00 11.37 ? 321 ALA A CB  1 
ATOM   6  N N   . MET A 1 2 ? -4.028 -5.590  1.156  1.00 7.56  ? 322 MET A N   1 
ATOM   7  C CA  . MET A 1 2 ? -2.864 -4.761  0.931  1.00 7.82  ? 322 MET A CA  1 
ATOM   8  C C   . MET A 1 2 ? -3.036 -3.948  -0.344 1.00 7.48  ? 322 MET A C   1 
ATOM   9  O O   . MET A 1 2 ? -3.687 -4.384  -1.290 1.00 7.02  ? 322 MET A O   1 
ATOM   10 C CB  . MET A 1 2 ? -1.638 -5.676  0.832  1.00 7.70  ? 322 MET A CB  1 
ATOM   11 C CG  . MET A 1 2 ? -0.282 -4.985  0.716  1.00 7.95  ? 322 MET A CG  1 
ATOM   12 S SD  . MET A 1 2 ? 1.158  -6.032  0.974  1.00 8.41  ? 322 MET A SD  1 
ATOM   13 C CE  . MET A 1 2 ? 1.125  -6.123  2.777  1.00 9.69  ? 322 MET A CE  1 
ATOM   14 N N   . MET A 1 3 ? -2.429 -2.772  -0.346 1.00 7.14  ? 323 MET A N   1 
ATOM   15 C CA  . MET A 1 3 ? -2.364 -1.920  -1.521 1.00 7.52  ? 323 MET A CA  1 
ATOM   16 C C   . MET A 1 3 ? -1.010 -1.232  -1.597 1.00 7.01  ? 323 MET A C   1 
ATOM   17 O O   . MET A 1 3 ? -0.437 -0.901  -0.581 1.00 6.73  ? 323 MET A O   1 
ATOM   18 C CB  . MET A 1 3 ? -3.490 -0.897  -1.532 1.00 7.75  ? 323 MET A CB  1 
ATOM   19 C CG  . MET A 1 3 ? -3.640 -0.084  -2.807 1.00 7.50  ? 323 MET A CG  1 
ATOM   20 S SD  . MET A 1 3 ? -5.062 0.998   -2.849 1.00 8.79  ? 323 MET A SD  1 
ATOM   21 C CE  . MET A 1 3 ? -6.343 -0.136  -3.364 1.00 8.83  ? 323 MET A CE  1 
ATOM   22 N N   . ALA A 1 4 ? -0.536 -1.033  -2.817 1.00 6.69  ? 324 ALA A N   1 
ATOM   23 C CA  . ALA A 1 4 ? 0.666  -0.295  -3.113 1.00 6.70  ? 324 ALA A CA  1 
ATOM   24 C C   . ALA A 1 4 ? 0.455  0.698   -4.249 1.00 6.68  ? 324 ALA A C   1 
ATOM   25 O O   . ALA A 1 4 ? -0.248 0.417   -5.205 1.00 6.29  ? 324 ALA A O   1 
ATOM   26 C CB  . ALA A 1 4 ? 1.796  -1.256  -3.463 1.00 6.75  ? 324 ALA A CB  1 
ATOM   27 N N   . ALA A 1 5 ? 1.090  1.855   -4.129 1.00 7.32  ? 325 ALA A N   1 
ATOM   28 C CA  . ALA A 1 5 ? 1.072  2.859   -5.184 1.00 7.64  ? 325 ALA A CA  1 
ATOM   29 C C   . ALA A 1 5 ? 2.441  3.515   -5.240 1.00 8.15  ? 325 ALA A C   1 
ATOM   30 O O   . ALA A 1 5 ? 2.959  3.947   -4.222 1.00 8.75  ? 325 ALA A O   1 
ATOM   31 C CB  . ALA A 1 5 ? -0.003 3.898   -4.913 1.00 8.16  ? 325 ALA A CB  1 
ATOM   32 N N   . ALA A 1 6 ? 3.027  3.615   -6.430 1.00 9.49  ? 326 ALA A N   1 
ATOM   33 C CA  . ALA A 1 6 ? 4.326  4.283   -6.590 1.00 11.48 ? 326 ALA A CA  1 
ATOM   34 C C   . ALA A 1 6 ? 4.390  4.953   -7.936 1.00 16.01 ? 326 ALA A C   1 
ATOM   35 O O   . ALA A 1 6 ? 4.743  6.131   -8.087 1.00 18.99 ? 326 ALA A O   1 
ATOM   36 C CB  . ALA A 1 6 ? 5.456  3.304   -6.460 1.00 13.09 ? 326 ALA A CB  1 
ATOM   37 O OXT . ALA A 1 6 ? 4.053  4.310   -8.902 1.00 18.06 ? 326 ALA A OXT 1 
ATOM   38 N N   . ALA B 1 1 ? 6.065  6.660   -2.847 1.00 11.66 ? 321 ALA B N   1 
ATOM   39 C CA  . ALA B 1 1 ? 5.446  5.327   -2.726 1.00 9.46  ? 321 ALA B CA  1 
ATOM   40 C C   . ALA B 1 1 ? 4.642  5.286   -1.431 1.00 8.41  ? 321 ALA B C   1 
ATOM   41 O O   . ALA B 1 1 ? 5.012  5.897   -0.431 1.00 8.51  ? 321 ALA B O   1 
ATOM   42 C CB  . ALA B 1 1 ? 6.497  4.248   -2.747 1.00 10.68 ? 321 ALA B CB  1 
ATOM   43 N N   . MET B 1 2 ? 3.547  4.559   -1.493 1.00 7.34  ? 322 MET B N   1 
ATOM   44 C CA  A MET B 1 2 ? 2.706  4.305   -0.338 0.50 7.63  ? 322 MET B CA  1 
ATOM   45 C CA  B MET B 1 2 ? 2.726  4.294   -0.326 0.50 7.64  ? 322 MET B CA  1 
ATOM   46 C C   . MET B 1 2 ? 2.288  2.846   -0.339 1.00 6.85  ? 322 MET B C   1 
ATOM   47 O O   . MET B 1 2 ? 2.012  2.296   -1.408 1.00 6.19  ? 322 MET B O   1 
ATOM   48 C CB  A MET B 1 2 ? 1.453  5.173   -0.402 0.50 8.16  ? 322 MET B CB  1 
ATOM   49 C CB  B MET B 1 2 ? 1.487  5.186   -0.312 0.50 8.16  ? 322 MET B CB  1 
ATOM   50 C CG  A MET B 1 2 ? 1.754  6.662   -0.500 0.50 8.84  ? 322 MET B CG  1 
ATOM   51 C CG  B MET B 1 2 ? 1.787  6.616   0.099  0.50 8.86  ? 322 MET B CG  1 
ATOM   52 S SD  A MET B 1 2 ? 0.269  7.648   -0.277 0.50 11.32 ? 322 MET B SD  1 
ATOM   53 S SD  B MET B 1 2 ? 0.306  7.607   0.249  0.50 10.69 ? 322 MET B SD  1 
ATOM   54 C CE  A MET B 1 2 ? 0.937  9.166   0.406  0.50 11.52 ? 322 MET B CE  1 
ATOM   55 C CE  B MET B 1 2 ? 0.005  7.625   -1.500 0.50 12.94 ? 322 MET B CE  1 
ATOM   56 N N   . MET B 1 3 ? 2.225  2.246   0.832  1.00 6.69  ? 323 MET B N   1 
ATOM   57 C CA  . MET B 1 3 ? 1.671  0.896   0.985  1.00 6.37  ? 323 MET B CA  1 
ATOM   58 C C   . MET B 1 3 ? 0.849  0.804   2.257  1.00 6.84  ? 323 MET B C   1 
ATOM   59 O O   . MET B 1 3 ? 1.173  1.458   3.230  1.00 6.77  ? 323 MET B O   1 
ATOM   60 C CB  . MET B 1 3 ? 2.755  -0.159  1.002  1.00 6.16  ? 323 MET B CB  1 
ATOM   61 C CG  . MET B 1 3 ? 3.515  -0.273  -0.320 1.00 6.49  ? 323 MET B CG  1 
ATOM   62 S SD  . MET B 1 3 ? 4.585  -1.692  -0.408 1.00 7.55  ? 323 MET B SD  1 
ATOM   63 C CE  . MET B 1 3 ? 5.315  -1.534  -2.050 1.00 8.13  ? 323 MET B CE  1 
ATOM   64 N N   . ALA B 1 4 ? -0.171 -0.050  2.245  1.00 7.33  ? 324 ALA B N   1 
ATOM   65 C CA  . ALA B 1 4 ? -0.988 -0.337  3.429  1.00 7.33  ? 324 ALA B CA  1 
ATOM   66 C C   . ALA B 1 4 ? -1.262 -1.821  3.555  1.00 7.17  ? 324 ALA B C   1 
ATOM   67 O O   . ALA B 1 4 ? -1.444 -2.517  2.549  1.00 7.59  ? 324 ALA B O   1 
ATOM   68 C CB  . ALA B 1 4 ? -2.300 0.417   3.345  1.00 7.49  ? 324 ALA B CB  1 
ATOM   69 N N   . ALA B 1 5 ? -1.300 -2.291  4.795  1.00 8.31  ? 325 ALA B N   1 
ATOM   70 C CA  . ALA B 1 5 ? -1.734 -3.625  5.147  1.00 8.51  ? 325 ALA B CA  1 
ATOM   71 C C   . ALA B 1 5 ? -2.814 -3.494  6.177  1.00 9.06  ? 325 ALA B C   1 
ATOM   72 O O   . ALA B 1 5 ? -2.639 -2.800  7.156  1.00 8.74  ? 325 ALA B O   1 
ATOM   73 C CB  . ALA B 1 5 ? -0.584 -4.395  5.745  1.00 9.71  ? 325 ALA B CB  1 
ATOM   74 N N   . ALA B 1 6 ? -3.948 -4.137  5.932  1.00 9.69  ? 326 ALA B N   1 
ATOM   75 C CA  . ALA B 1 6 ? -5.047 -4.165  6.873  1.00 12.04 ? 326 ALA B CA  1 
ATOM   76 C C   . ALA B 1 6 ? -5.919 -5.389  6.638  1.00 13.91 ? 326 ALA B C   1 
ATOM   77 O O   . ALA B 1 6 ? -7.079 -5.413  7.004  1.00 18.23 ? 326 ALA B O   1 
ATOM   78 C CB  . ALA B 1 6 ? -5.864 -2.897  6.742  1.00 14.30 ? 326 ALA B CB  1 
ATOM   79 O OXT . ALA B 1 6 ? -5.481 -6.350  6.063  1.00 13.97 ? 326 ALA B OXT 1 
HETATM 80 O O   . HOH C 2 . ? -3.622 -9.776  3.866  1.00 23.29 ? 401 HOH A O   1 
HETATM 81 O O   . HOH C 2 . ? -1.672 -8.268  4.547  1.00 24.88 ? 402 HOH A O   1 
HETATM 82 O O   . HOH C 2 . ? -5.011 -10.141 6.301  1.00 25.38 ? 403 HOH A O   1 
HETATM 83 O O   A HOH C 2 . ? -0.238 6.983   -2.979 0.50 9.13  ? 404 HOH A O   1 
# 
loop_
_atom_site_anisotrop.id 
_atom_site_anisotrop.type_symbol 
_atom_site_anisotrop.pdbx_label_atom_id 
_atom_site_anisotrop.pdbx_label_alt_id 
_atom_site_anisotrop.pdbx_label_comp_id 
_atom_site_anisotrop.pdbx_label_asym_id 
_atom_site_anisotrop.pdbx_label_seq_id 
_atom_site_anisotrop.pdbx_PDB_ins_code 
_atom_site_anisotrop.U[1][1] 
_atom_site_anisotrop.U[2][2] 
_atom_site_anisotrop.U[3][3] 
_atom_site_anisotrop.U[1][2] 
_atom_site_anisotrop.U[1][3] 
_atom_site_anisotrop.U[2][3] 
_atom_site_anisotrop.pdbx_auth_seq_id 
_atom_site_anisotrop.pdbx_auth_comp_id 
_atom_site_anisotrop.pdbx_auth_asym_id 
_atom_site_anisotrop.pdbx_auth_atom_id 
1  N N   . ALA A 1 ? 0.1584 0.1363 0.1400 -0.0394 0.0127  0.0036  321 ALA A N   
2  C CA  . ALA A 1 ? 0.1410 0.1172 0.1458 -0.0138 0.0024  -0.0027 321 ALA A CA  
3  C C   . ALA A 1 ? 0.1237 0.1160 0.1051 -0.0018 0.0040  0.0068  321 ALA A C   
4  O O   . ALA A 1 ? 0.1535 0.1364 0.0985 -0.0282 -0.0013 0.0226  321 ALA A O   
5  C CB  . ALA A 1 ? 0.1441 0.1423 0.1456 -0.0072 0.0028  0.0031  321 ALA A CB  
6  N N   . MET A 2 ? 0.0909 0.0962 0.1000 0.0044  0.0049  -0.0026 322 MET A N   
7  C CA  . MET A 2 ? 0.1078 0.0899 0.0993 -0.0053 0.0069  -0.0032 322 MET A CA  
8  C C   . MET A 2 ? 0.1015 0.0861 0.0962 0.0008  0.0131  -0.0070 322 MET A C   
9  O O   . MET A 2 ? 0.0906 0.0734 0.1026 0.0219  0.0098  -0.0123 322 MET A O   
10 C CB  . MET A 2 ? 0.1089 0.0816 0.1019 -0.0070 -0.0001 0.0080  322 MET A CB  
11 C CG  . MET A 2 ? 0.0937 0.0992 0.1091 0.0049  -0.0076 0.0047  322 MET A CG  
12 S SD  . MET A 2 ? 0.1078 0.0987 0.1131 0.0251  0.0025  -0.0014 322 MET A SD  
13 C CE  . MET A 2 ? 0.1182 0.1313 0.1186 -0.0085 -0.0035 0.0023  322 MET A CE  
14 N N   . MET A 3 ? 0.0872 0.0983 0.0857 -0.0100 0.0096  -0.0087 323 MET A N   
15 C CA  . MET A 3 ? 0.1000 0.0861 0.0995 -0.0001 0.0153  -0.0039 323 MET A CA  
16 C C   . MET A 3 ? 0.0958 0.0794 0.0912 0.0046  0.0053  -0.0075 323 MET A C   
17 O O   . MET A 3 ? 0.0716 0.0885 0.0954 0.0103  0.0094  -0.0185 323 MET A O   
18 C CB  . MET A 3 ? 0.0971 0.0985 0.0984 0.0022  0.0166  0.0013  323 MET A CB  
19 C CG  . MET A 3 ? 0.0755 0.1084 0.1010 0.0088  0.0030  0.0033  323 MET A CG  
20 S SD  . MET A 3 ? 0.0880 0.1125 0.1333 0.0290  0.0225  -0.0047 323 MET A SD  
21 C CE  . MET A 3 ? 0.1084 0.1113 0.1156 0.0162  0.0187  -0.0050 323 MET A CE  
22 N N   . ALA A 4 ? 0.0788 0.0909 0.0844 0.0053  -0.0060 0.0030  324 ALA A N   
23 C CA  . ALA A 4 ? 0.0852 0.0848 0.0844 0.0035  0.0020  -0.0074 324 ALA A CA  
24 C C   . ALA A 4 ? 0.0899 0.0897 0.0742 0.0085  0.0099  -0.0114 324 ALA A C   
25 O O   . ALA A 4 ? 0.0804 0.0821 0.0763 0.0131  0.0024  0.0067  324 ALA A O   
26 C CB  . ALA A 4 ? 0.0740 0.0926 0.0896 0.0012  -0.0020 -0.0046 324 ALA A CB  
27 N N   . ALA A 5 ? 0.0930 0.0946 0.0905 0.0023  0.0067  -0.0073 325 ALA A N   
28 C CA  . ALA A 5 ? 0.1121 0.0844 0.0937 -0.0014 0.0181  -0.0127 325 ALA A CA  
29 C C   . ALA A 5 ? 0.1149 0.0887 0.1059 -0.0055 0.0021  -0.0070 325 ALA A C   
30 O O   . ALA A 5 ? 0.1098 0.1206 0.1021 -0.0244 -0.0031 0.0026  325 ALA A O   
31 C CB  . ALA A 5 ? 0.1107 0.1002 0.0990 0.0098  0.0112  0.0013  325 ALA A CB  
32 N N   . ALA A 6 ? 0.1334 0.1141 0.1130 -0.0146 0.0066  0.0057  326 ALA A N   
33 C CA  . ALA A 6 ? 0.1431 0.1429 0.1500 -0.0295 0.0048  0.0036  326 ALA A CA  
34 C C   . ALA A 6 ? 0.2550 0.1949 0.1581 -0.0522 0.0201  0.0192  326 ALA A C   
35 O O   . ALA A 6 ? 0.3401 0.2101 0.1712 -0.0696 0.0151  0.0562  326 ALA A O   
36 C CB  . ALA A 6 ? 0.1562 0.1654 0.1754 -0.0152 0.0049  0.0010  326 ALA A CB  
37 O OXT . ALA A 6 ? 0.3230 0.2249 0.1383 -0.1075 0.0496  0.0216  326 ALA A OXT 
38 N N   . ALA B 1 ? 0.1562 0.1474 0.1392 -0.0390 0.0104  0.0162  321 ALA B N   
39 C CA  . ALA B 1 ? 0.1152 0.1264 0.1178 -0.0093 0.0071  0.0022  321 ALA B CA  
40 C C   . ALA B 1 ? 0.0989 0.1007 0.1197 -0.0086 0.0062  -0.0102 321 ALA B C   
41 O O   . ALA B 1 ? 0.1019 0.1202 0.1013 -0.0116 0.0105  0.0022  321 ALA B O   
42 C CB  . ALA B 1 ? 0.1345 0.1368 0.1345 0.0035  0.0175  0.0048  321 ALA B CB  
43 N N   . MET B 2 ? 0.0825 0.0997 0.0965 0.0021  -0.0089 0.0077  322 MET B N   
44 C CA  A MET B 2 ? 0.0939 0.0965 0.0995 0.0013  -0.0016 0.0001  322 MET B CA  
45 C CA  B MET B 2 ? 0.0943 0.0967 0.0991 0.0015  -0.0016 0.0000  322 MET B CA  
46 C C   . MET B 2 ? 0.0887 0.0870 0.0844 0.0166  0.0040  0.0003  322 MET B C   
47 O O   . MET B 2 ? 0.0691 0.0788 0.0872 0.0274  0.0101  -0.0069 322 MET B O   
48 C CB  A MET B 2 ? 0.0923 0.1047 0.1128 0.0025  0.0012  -0.0024 322 MET B CB  
49 C CB  B MET B 2 ? 0.0969 0.1022 0.1109 0.0045  0.0019  -0.0009 322 MET B CB  
50 C CG  A MET B 2 ? 0.0953 0.1076 0.1329 -0.0008 -0.0046 0.0014  322 MET B CG  
51 C CG  B MET B 2 ? 0.0999 0.1048 0.1317 0.0026  -0.0019 -0.0042 322 MET B CG  
52 S SD  A MET B 2 ? 0.0828 0.1150 0.2323 0.0011  -0.0132 0.0040  322 MET B SD  
53 S SD  B MET B 2 ? 0.1210 0.1026 0.1823 0.0224  0.0047  -0.0214 322 MET B SD  
54 C CE  A MET B 2 ? 0.1443 0.1298 0.1634 -0.0080 0.0012  -0.0048 322 MET B CE  
55 C CE  B MET B 2 ? 0.1550 0.1459 0.1906 -0.0062 0.0109  0.0023  322 MET B CE  
56 N N   . MET B 3 ? 0.0809 0.0883 0.0849 0.0086  -0.0026 0.0036  323 MET B N   
57 C CA  . MET B 3 ? 0.0736 0.0879 0.0806 0.0124  -0.0108 0.0092  323 MET B CA  
58 C C   . MET B 3 ? 0.0822 0.0862 0.0916 -0.0006 0.0007  -0.0028 323 MET B C   
59 O O   . MET B 3 ? 0.0814 0.0920 0.0837 0.0260  -0.0091 -0.0047 323 MET B O   
60 C CB  . MET B 3 ? 0.0845 0.0679 0.0815 0.0091  0.0019  0.0037  323 MET B CB  
61 C CG  . MET B 3 ? 0.0945 0.0689 0.0832 0.0096  0.0033  -0.0029 323 MET B CG  
62 S SD  . MET B 3 ? 0.0729 0.0913 0.1224 0.0228  -0.0062 0.0007  323 MET B SD  
63 C CE  . MET B 3 ? 0.0951 0.0963 0.1174 -0.0009 -0.0012 -0.0088 323 MET B CE  
64 N N   . ALA B 4 ? 0.0762 0.1050 0.0971 -0.0050 -0.0069 -0.0050 324 ALA B N   
65 C CA  . ALA B 4 ? 0.0837 0.0946 0.1002 -0.0041 -0.0021 -0.0051 324 ALA B CA  
66 C C   . ALA B 4 ? 0.0951 0.0907 0.0865 -0.0005 0.0062  -0.0171 324 ALA B C   
67 O O   . ALA B 4 ? 0.1143 0.1018 0.0722 0.0078  -0.0010 -0.0120 324 ALA B O   
68 C CB  . ALA B 4 ? 0.0812 0.0955 0.1075 -0.0052 0.0050  -0.0082 324 ALA B CB  
69 N N   . ALA B 5 ? 0.1200 0.0973 0.0982 -0.0050 -0.0060 0.0031  325 ALA B N   
70 C CA  . ALA B 5 ? 0.1125 0.1026 0.1079 -0.0093 -0.0096 0.0103  325 ALA B CA  
71 C C   . ALA B 5 ? 0.1324 0.1054 0.1063 -0.0029 -0.0033 0.0112  325 ALA B C   
72 O O   . ALA B 5 ? 0.1357 0.0983 0.0978 -0.0233 0.0076  0.0180  325 ALA B O   
73 C CB  . ALA B 5 ? 0.1124 0.1077 0.1489 0.0096  -0.0061 -0.0072 325 ALA B CB  
74 N N   . ALA B 6 ? 0.1350 0.1177 0.1151 -0.0076 -0.0012 0.0087  326 ALA B N   
75 C CA  . ALA B 6 ? 0.1352 0.1738 0.1483 -0.0180 0.0106  0.0018  326 ALA B CA  
76 C C   . ALA B 6 ? 0.2029 0.1615 0.1637 -0.0291 -0.0045 -0.0055 326 ALA B C   
77 O O   . ALA B 6 ? 0.1879 0.2854 0.2192 -0.0543 -0.0386 0.0301  326 ALA B O   
78 C CB  . ALA B 6 ? 0.1694 0.1879 0.1859 -0.0003 0.0016  0.0005  326 ALA B CB  
79 O OXT . ALA B 6 ? 0.2219 0.1490 0.1596 -0.0688 0.0055  -0.0030 326 ALA B OXT 
80 O O   . HOH C . ? 0.2217 0.2830 0.3800 -0.0865 0.0430  0.0061  401 HOH A O   
81 O O   . HOH C . ? 0.2779 0.2208 0.4467 -0.1165 -0.1627 0.0632  402 HOH A O   
82 O O   . HOH C . ? 0.1625 0.2912 0.5106 0.0267  0.0991  0.1670  403 HOH A O   
83 O O   A HOH C . ? 0.1476 0.0653 0.1339 -0.0055 0.0983  -0.0628 404 HOH A O   
# 
